data_5XZR
#
_entry.id   5XZR
#
_cell.length_a   41.280
_cell.length_b   55.750
_cell.length_c   219.190
_cell.angle_alpha   90.000
_cell.angle_beta   90.000
_cell.angle_gamma   90.000
#
_symmetry.space_group_name_H-M   'P 2 21 21'
#
loop_
_entity.id
_entity.type
_entity.pdbx_description
1 polymer 'Tyrosine-protein phosphatase non-receptor type 11'
2 non-polymer 4-(3-phenylphenyl)-N-(2,2,6,6-tetramethylpiperidin-4-yl)-1,3-thiazol-2-amine
3 water water
#
_entity_poly.entity_id   1
_entity_poly.type   'polypeptide(L)'
_entity_poly.pdbx_seq_one_letter_code
;MGSSHHHHHHSSGLVPRGSHMASMTSRRWFHPNITGVEAENLLLTRGVDGSFLARPSKSNPGDFTLSVRRNGAVTHIKIQ
NTGDYYDLYGGEKFATLAALVQYYMEHHGQLKEKNGDVIELKYPLNCADPTSERWFHGHLSGKEAEKLLTEKGKHGSFLV
RESQSHPGDFVLSVRTGDDKGESNDGKSKVTHVMIRCQELKYDVGGGERFDSLTDLVEHYKKNPMVETLGTVLQLKQPLN
TTRINAAEIESRVRELSKLAETTDKVKQGFWEEFETLQQQECKLLYSRKEGQRQENKNKNRYKNILPFDHTRVVLHDGDP
NEPVSDYINANIIMPEFETKCNNSKPKKSYIATQGCLQNTVNDFWRMVFQENSRVIVMTTKEVERGKSKCVKYWPDEYAL
KEYGVMRVRNVKESAAHDYTLRELKLSKVGQGNTERTVWQYHFRTWPDHGVPSDPGGVLDFLEEVHHKQESIMDAGPVVV
HCSAGIGRTGTFIVIDILIDIIREKGVDCDIDVPKTIQMVRSQRSGMVQTEAQYRFIYMAVQHYIETLQRRIEEEQK
;
_entity_poly.pdbx_strand_id   A
#
loop_
_chem_comp.id
_chem_comp.type
_chem_comp.name
_chem_comp.formula
8J6 non-polymer 4-(3-phenylphenyl)-N-(2,2,6,6-tetramethylpiperidin-4-yl)-1,3-thiazol-2-amine 'C24 H29 N3 S'
#
# COMPACT_ATOMS: atom_id res chain seq x y z
N MET A 24 -10.60 7.25 -15.54
CA MET A 24 -11.44 7.32 -14.35
C MET A 24 -10.75 6.64 -13.18
N THR A 25 -9.86 7.38 -12.53
CA THR A 25 -9.12 6.83 -11.41
C THR A 25 -9.95 7.01 -10.11
N SER A 26 -10.27 8.24 -9.67
CA SER A 26 -9.71 9.55 -10.01
C SER A 26 -9.15 10.05 -8.69
N ARG A 27 -9.77 9.57 -7.61
CA ARG A 27 -9.43 9.89 -6.23
C ARG A 27 -9.37 11.39 -5.99
N ARG A 28 -10.03 12.17 -6.86
CA ARG A 28 -10.17 13.60 -6.63
C ARG A 28 -11.16 13.90 -5.52
N TRP A 29 -12.03 12.94 -5.18
CA TRP A 29 -12.97 13.10 -4.09
C TRP A 29 -12.32 13.06 -2.72
N PHE A 30 -11.00 12.95 -2.64
CA PHE A 30 -10.28 12.91 -1.37
C PHE A 30 -9.56 14.24 -1.18
N HIS A 31 -9.89 14.95 -0.10
CA HIS A 31 -9.25 16.22 0.21
C HIS A 31 -8.24 16.00 1.32
N PRO A 32 -6.94 16.10 1.05
CA PRO A 32 -5.95 15.80 2.10
C PRO A 32 -5.89 16.84 3.20
N ASN A 33 -6.01 18.11 2.86
CA ASN A 33 -5.87 19.21 3.82
C ASN A 33 -7.21 19.94 3.90
N ILE A 34 -8.12 19.43 4.73
CA ILE A 34 -9.47 19.96 4.82
C ILE A 34 -9.96 19.81 6.25
N THR A 35 -10.73 20.79 6.70
CA THR A 35 -11.38 20.77 8.00
C THR A 35 -12.73 20.06 7.91
N GLY A 36 -13.28 19.71 9.06
CA GLY A 36 -14.63 19.18 9.11
C GLY A 36 -15.71 20.19 8.79
N VAL A 37 -15.45 21.47 9.05
CA VAL A 37 -16.39 22.52 8.71
C VAL A 37 -16.23 22.96 7.25
N GLU A 38 -15.01 22.88 6.71
CA GLU A 38 -14.82 23.23 5.31
C GLU A 38 -15.51 22.23 4.39
N ALA A 39 -15.46 20.94 4.74
CA ALA A 39 -16.20 19.94 3.99
C ALA A 39 -17.70 20.18 4.09
N GLU A 40 -18.16 20.68 5.24
CA GLU A 40 -19.57 21.01 5.41
C GLU A 40 -19.99 22.10 4.43
N ASN A 41 -19.17 23.15 4.32
CA ASN A 41 -19.49 24.25 3.41
C ASN A 41 -19.28 23.84 1.95
N LEU A 42 -18.26 23.01 1.69
CA LEU A 42 -17.95 22.64 0.32
C LEU A 42 -19.08 21.86 -0.33
N LEU A 43 -19.82 21.07 0.46
CA LEU A 43 -20.95 20.33 -0.09
C LEU A 43 -22.20 21.19 -0.20
N LEU A 44 -22.36 22.18 0.69
CA LEU A 44 -23.57 22.98 0.68
C LEU A 44 -23.59 24.01 -0.44
N THR A 45 -22.41 24.48 -0.88
CA THR A 45 -22.32 25.51 -1.90
C THR A 45 -22.06 24.94 -3.29
N ARG A 46 -21.05 24.10 -3.43
CA ARG A 46 -20.64 23.58 -4.73
C ARG A 46 -21.17 22.17 -5.00
N GLY A 47 -22.06 21.66 -4.15
CA GLY A 47 -22.58 20.31 -4.31
C GLY A 47 -24.09 20.28 -4.19
N VAL A 48 -24.65 19.13 -4.56
CA VAL A 48 -26.08 18.86 -4.45
C VAL A 48 -26.26 17.56 -3.68
N ASP A 49 -27.53 17.18 -3.49
CA ASP A 49 -27.83 15.94 -2.77
C ASP A 49 -27.26 14.75 -3.53
N GLY A 50 -26.41 13.99 -2.85
CA GLY A 50 -25.67 12.90 -3.44
C GLY A 50 -24.18 13.16 -3.55
N SER A 51 -23.77 14.43 -3.50
CA SER A 51 -22.35 14.75 -3.55
C SER A 51 -21.66 14.35 -2.26
N PHE A 52 -20.44 13.83 -2.38
CA PHE A 52 -19.71 13.29 -1.24
C PHE A 52 -18.22 13.60 -1.37
N LEU A 53 -17.51 13.38 -0.27
CA LEU A 53 -16.06 13.54 -0.24
C LEU A 53 -15.51 12.74 0.94
N ALA A 54 -14.27 12.32 0.81
CA ALA A 54 -13.55 11.60 1.86
C ALA A 54 -12.42 12.45 2.38
N ARG A 55 -12.19 12.41 3.69
CA ARG A 55 -11.21 13.28 4.31
C ARG A 55 -10.58 12.57 5.50
N PRO A 56 -9.32 12.87 5.82
CA PRO A 56 -8.75 12.40 7.09
C PRO A 56 -9.41 13.11 8.26
N SER A 57 -9.96 12.32 9.18
CA SER A 57 -10.71 12.89 10.29
C SER A 57 -9.80 13.70 11.21
N LYS A 58 -10.25 14.91 11.57
CA LYS A 58 -9.52 15.71 12.54
C LYS A 58 -9.51 15.04 13.91
N SER A 59 -10.64 14.43 14.29
CA SER A 59 -10.82 13.95 15.65
C SER A 59 -9.79 12.88 16.02
N ASN A 60 -9.65 11.87 15.18
CA ASN A 60 -8.78 10.74 15.45
C ASN A 60 -7.76 10.58 14.32
N PRO A 61 -6.46 10.54 14.63
CA PRO A 61 -5.45 10.44 13.55
C PRO A 61 -5.55 9.15 12.73
N GLY A 62 -6.34 8.17 13.15
CA GLY A 62 -6.52 6.98 12.36
C GLY A 62 -7.87 6.93 11.68
N ASP A 63 -8.79 7.75 12.17
CA ASP A 63 -10.15 7.77 11.64
C ASP A 63 -10.19 8.44 10.26
N PHE A 64 -11.28 8.16 9.53
CA PHE A 64 -11.52 8.74 8.22
C PHE A 64 -13.01 9.01 8.10
N THR A 65 -13.36 10.23 7.70
CA THR A 65 -14.77 10.64 7.63
C THR A 65 -15.21 10.76 6.18
N LEU A 66 -16.39 10.19 5.88
CA LEU A 66 -17.02 10.28 4.57
C LEU A 66 -18.20 11.23 4.70
N SER A 67 -18.03 12.47 4.24
CA SER A 67 -19.06 13.49 4.34
C SER A 67 -19.90 13.47 3.07
N VAL A 68 -21.22 13.32 3.24
CA VAL A 68 -22.15 13.19 2.12
C VAL A 68 -23.28 14.20 2.33
N ARG A 69 -23.61 14.95 1.28
CA ARG A 69 -24.78 15.81 1.33
C ARG A 69 -26.03 14.95 1.24
N ARG A 70 -26.85 14.98 2.29
CA ARG A 70 -28.00 14.08 2.44
C ARG A 70 -29.19 14.93 2.86
N ASN A 71 -30.08 15.23 1.91
CA ASN A 71 -31.27 16.04 2.15
C ASN A 71 -30.91 17.40 2.74
N GLY A 72 -30.50 18.34 1.90
CA GLY A 72 -30.24 19.70 2.33
C GLY A 72 -29.11 19.88 3.33
N ALA A 73 -28.70 18.80 3.99
CA ALA A 73 -27.69 18.83 5.03
C ALA A 73 -26.58 17.83 4.69
N VAL A 74 -25.55 17.81 5.53
CA VAL A 74 -24.38 16.96 5.33
C VAL A 74 -24.36 15.90 6.42
N THR A 75 -24.11 14.65 6.03
CA THR A 75 -23.99 13.53 6.95
C THR A 75 -22.54 13.08 6.98
N HIS A 76 -21.95 13.04 8.17
CA HIS A 76 -20.54 12.69 8.35
C HIS A 76 -20.47 11.25 8.84
N ILE A 77 -20.24 10.32 7.92
CA ILE A 77 -20.00 8.92 8.28
C ILE A 77 -18.49 8.71 8.37
N LYS A 78 -18.06 8.05 9.44
CA LYS A 78 -16.64 7.89 9.72
C LYS A 78 -16.19 6.47 9.41
N ILE A 79 -14.92 6.34 9.03
CA ILE A 79 -14.30 5.07 8.69
C ILE A 79 -13.03 4.94 9.52
N GLN A 80 -12.91 3.84 10.25
CA GLN A 80 -11.73 3.62 11.09
C GLN A 80 -10.75 2.69 10.38
N ASN A 81 -9.48 2.84 10.74
CA ASN A 81 -8.43 1.97 10.21
C ASN A 81 -7.34 1.87 11.26
N THR A 82 -7.25 0.71 11.91
CA THR A 82 -6.24 0.47 12.93
C THR A 82 -4.97 -0.15 12.39
N GLY A 83 -4.98 -0.63 11.14
CA GLY A 83 -3.84 -1.28 10.55
C GLY A 83 -4.21 -2.60 9.90
N ASP A 84 -5.51 -2.85 9.80
CA ASP A 84 -6.02 -4.08 9.20
C ASP A 84 -6.91 -3.83 7.99
N TYR A 85 -7.82 -2.87 8.09
CA TYR A 85 -8.75 -2.57 7.00
C TYR A 85 -9.46 -1.26 7.32
N TYR A 86 -10.18 -0.75 6.32
CA TYR A 86 -11.04 0.42 6.49
C TYR A 86 -12.44 -0.06 6.88
N ASP A 87 -12.82 0.16 8.12
CA ASP A 87 -14.11 -0.29 8.64
C ASP A 87 -15.09 0.86 8.59
N LEU A 88 -16.13 0.72 7.77
CA LEU A 88 -17.17 1.74 7.64
C LEU A 88 -18.29 1.44 8.63
N TYR A 89 -18.75 2.47 9.33
CA TYR A 89 -19.82 2.31 10.31
C TYR A 89 -21.15 2.18 9.60
N GLY A 90 -21.93 1.18 9.99
CA GLY A 90 -23.12 0.86 9.24
C GLY A 90 -22.85 0.32 7.86
N GLY A 91 -21.62 -0.12 7.60
CA GLY A 91 -21.25 -0.65 6.30
C GLY A 91 -20.25 -1.78 6.39
N GLU A 92 -19.53 -2.04 5.30
CA GLU A 92 -18.60 -3.15 5.21
C GLU A 92 -17.16 -2.65 5.25
N LYS A 93 -16.23 -3.60 5.32
CA LYS A 93 -14.81 -3.33 5.41
C LYS A 93 -14.14 -3.49 4.05
N PHE A 94 -13.09 -2.71 3.82
CA PHE A 94 -12.44 -2.66 2.51
C PHE A 94 -10.94 -2.57 2.67
N ALA A 95 -10.23 -2.85 1.57
CA ALA A 95 -8.78 -2.81 1.52
C ALA A 95 -8.26 -1.43 1.13
N THR A 96 -8.84 -0.81 0.12
CA THR A 96 -8.49 0.52 -0.31
C THR A 96 -9.70 1.44 -0.15
N LEU A 97 -9.44 2.69 0.25
CA LEU A 97 -10.51 3.67 0.37
C LEU A 97 -11.19 3.93 -0.97
N ALA A 98 -10.51 3.63 -2.09
CA ALA A 98 -11.12 3.79 -3.40
C ALA A 98 -12.13 2.68 -3.69
N ALA A 99 -11.75 1.43 -3.44
CA ALA A 99 -12.69 0.33 -3.62
C ALA A 99 -13.92 0.47 -2.73
N LEU A 100 -13.80 1.18 -1.61
CA LEU A 100 -14.98 1.52 -0.81
C LEU A 100 -15.94 2.39 -1.61
N VAL A 101 -15.41 3.41 -2.30
CA VAL A 101 -16.25 4.27 -3.14
C VAL A 101 -16.75 3.50 -4.35
N GLN A 102 -15.88 2.69 -4.96
CA GLN A 102 -16.30 1.88 -6.10
C GLN A 102 -17.43 0.93 -5.72
N TYR A 103 -17.44 0.46 -4.48
CA TYR A 103 -18.48 -0.44 -4.03
C TYR A 103 -19.80 0.30 -3.81
N TYR A 104 -19.78 1.36 -3.02
CA TYR A 104 -20.99 2.08 -2.66
C TYR A 104 -21.49 3.02 -3.75
N MET A 105 -20.80 3.11 -4.88
CA MET A 105 -21.34 3.78 -6.05
C MET A 105 -21.97 2.83 -7.05
N GLU A 106 -21.49 1.59 -7.11
CA GLU A 106 -22.08 0.55 -7.93
C GLU A 106 -23.07 -0.31 -7.15
N HIS A 107 -23.14 -0.16 -5.83
CA HIS A 107 -24.15 -0.79 -4.99
C HIS A 107 -24.90 0.33 -4.27
N HIS A 108 -26.03 0.74 -4.83
CA HIS A 108 -26.72 1.93 -4.35
C HIS A 108 -27.51 1.68 -3.08
N GLY A 109 -27.98 0.45 -2.85
CA GLY A 109 -28.88 0.20 -1.75
C GLY A 109 -28.27 -0.50 -0.55
N GLN A 110 -26.95 -0.37 -0.37
CA GLN A 110 -26.28 -1.01 0.75
C GLN A 110 -25.84 -0.05 1.85
N LEU A 111 -25.69 1.24 1.56
CA LEU A 111 -25.34 2.22 2.58
C LEU A 111 -26.63 2.83 3.11
N LYS A 112 -27.06 2.37 4.28
CA LYS A 112 -28.27 2.84 4.91
C LYS A 112 -27.96 3.40 6.29
N GLU A 113 -28.80 4.32 6.74
CA GLU A 113 -28.63 4.92 8.05
C GLU A 113 -29.17 4.01 9.15
N LYS A 114 -30.25 3.27 8.88
CA LYS A 114 -30.82 2.28 9.80
C LYS A 114 -31.17 2.89 11.15
N ASN A 115 -32.27 3.65 11.32
CA ASN A 115 -33.50 3.96 10.52
C ASN A 115 -33.98 3.40 9.14
N GLY A 116 -33.13 2.80 8.32
CA GLY A 116 -33.54 2.27 7.03
C GLY A 116 -33.41 3.26 5.90
N ASP A 117 -33.13 4.52 6.20
CA ASP A 117 -32.94 5.52 5.17
C ASP A 117 -31.60 5.32 4.47
N VAL A 118 -31.60 5.34 3.15
CA VAL A 118 -30.42 5.07 2.35
C VAL A 118 -29.63 6.36 2.15
N ILE A 119 -28.30 6.24 2.17
CA ILE A 119 -27.40 7.35 1.87
C ILE A 119 -26.73 7.04 0.54
N GLU A 120 -26.94 7.92 -0.43
CA GLU A 120 -26.55 7.66 -1.81
C GLU A 120 -25.23 8.34 -2.13
N LEU A 121 -24.31 7.58 -2.73
CA LEU A 121 -23.05 8.12 -3.25
C LEU A 121 -23.20 8.19 -4.76
N LYS A 122 -23.45 9.39 -5.28
CA LYS A 122 -23.71 9.57 -6.70
C LYS A 122 -22.75 10.52 -7.39
N TYR A 123 -22.29 11.57 -6.72
CA TYR A 123 -21.46 12.60 -7.36
C TYR A 123 -20.20 12.85 -6.53
N PRO A 124 -19.05 12.33 -6.96
CA PRO A 124 -17.79 12.62 -6.25
C PRO A 124 -17.37 14.07 -6.49
N LEU A 125 -17.27 14.84 -5.41
CA LEU A 125 -16.82 16.23 -5.49
C LEU A 125 -15.30 16.26 -5.46
N ASN A 126 -14.71 16.82 -6.51
CA ASN A 126 -13.27 16.76 -6.70
C ASN A 126 -12.56 17.83 -5.86
N CYS A 127 -11.24 17.68 -5.77
CA CYS A 127 -10.39 18.58 -5.01
C CYS A 127 -9.35 19.22 -5.91
N ALA A 128 -8.92 20.42 -5.54
CA ALA A 128 -7.94 21.17 -6.31
C ALA A 128 -6.55 21.17 -5.69
N ASP A 129 -6.39 20.58 -4.51
CA ASP A 129 -5.10 20.56 -3.83
C ASP A 129 -4.15 19.62 -4.55
N PRO A 130 -3.02 20.08 -5.06
CA PRO A 130 -2.09 19.22 -5.80
C PRO A 130 -1.01 18.56 -4.95
N THR A 131 -1.06 18.68 -3.62
CA THR A 131 0.02 18.20 -2.77
C THR A 131 0.12 16.67 -2.73
N SER A 132 -0.89 15.94 -3.22
CA SER A 132 -0.85 14.49 -3.27
C SER A 132 -0.46 13.96 -4.63
N GLU A 133 0.24 14.77 -5.44
CA GLU A 133 0.66 14.38 -6.78
C GLU A 133 2.17 14.28 -6.83
N ARG A 134 2.65 13.27 -7.57
CA ARG A 134 4.09 13.02 -7.62
C ARG A 134 4.86 14.16 -8.29
N TRP A 135 4.23 14.85 -9.24
CA TRP A 135 4.93 15.90 -9.98
C TRP A 135 4.93 17.23 -9.25
N PHE A 136 4.08 17.41 -8.24
CA PHE A 136 4.10 18.63 -7.46
C PHE A 136 5.33 18.66 -6.57
N HIS A 137 5.82 19.88 -6.28
CA HIS A 137 7.04 20.04 -5.52
C HIS A 137 6.98 21.11 -4.44
N GLY A 138 5.89 21.86 -4.37
CA GLY A 138 5.83 22.91 -3.36
C GLY A 138 6.87 23.98 -3.63
N HIS A 139 7.63 24.32 -2.61
CA HIS A 139 8.69 25.32 -2.77
C HIS A 139 9.86 24.74 -3.55
N LEU A 140 10.23 25.41 -4.63
CA LEU A 140 11.36 25.04 -5.47
C LEU A 140 11.64 26.20 -6.41
N SER A 141 12.89 26.35 -6.81
CA SER A 141 13.32 27.46 -7.64
C SER A 141 13.93 26.94 -8.94
N GLY A 142 13.89 27.79 -9.97
CA GLY A 142 14.34 27.45 -11.30
C GLY A 142 15.68 26.73 -11.38
N LYS A 143 16.70 27.29 -10.72
CA LYS A 143 18.01 26.63 -10.72
C LYS A 143 17.93 25.29 -10.00
N GLU A 144 17.33 25.27 -8.80
CA GLU A 144 17.16 24.02 -8.07
C GLU A 144 16.27 23.05 -8.86
N ALA A 145 15.22 23.57 -9.48
CA ALA A 145 14.34 22.71 -10.28
C ALA A 145 15.07 22.18 -11.51
N GLU A 146 15.85 23.04 -12.18
CA GLU A 146 16.62 22.60 -13.34
C GLU A 146 17.73 21.64 -12.92
N LYS A 147 18.32 21.86 -11.74
CA LYS A 147 19.36 20.95 -11.26
C LYS A 147 18.82 19.55 -11.06
N LEU A 148 17.61 19.43 -10.48
CA LEU A 148 17.03 18.12 -10.27
C LEU A 148 16.63 17.45 -11.57
N LEU A 149 16.25 18.25 -12.57
CA LEU A 149 15.82 17.67 -13.85
C LEU A 149 16.97 17.14 -14.68
N THR A 150 18.20 17.62 -14.45
CA THR A 150 19.38 17.08 -15.12
C THR A 150 20.12 16.05 -14.28
N GLU A 151 20.15 16.22 -12.95
CA GLU A 151 20.76 15.21 -12.09
C GLU A 151 19.86 13.98 -11.98
N LYS A 152 18.67 14.17 -11.44
CA LYS A 152 17.69 13.10 -11.20
C LYS A 152 16.62 13.05 -12.28
N GLY A 153 16.99 13.34 -13.53
CA GLY A 153 15.98 13.44 -14.57
C GLY A 153 16.17 12.52 -15.76
N LYS A 154 15.32 12.71 -16.78
CA LYS A 154 15.25 11.85 -17.95
C LYS A 154 14.31 12.52 -18.95
N HIS A 155 14.41 12.11 -20.21
CA HIS A 155 13.49 12.61 -21.23
C HIS A 155 12.05 12.34 -20.83
N GLY A 156 11.25 13.41 -20.77
CA GLY A 156 9.87 13.31 -20.34
C GLY A 156 9.65 13.64 -18.88
N SER A 157 10.70 13.70 -18.08
CA SER A 157 10.56 14.05 -16.66
C SER A 157 10.09 15.49 -16.53
N PHE A 158 9.10 15.71 -15.67
CA PHE A 158 8.54 17.05 -15.49
C PHE A 158 8.15 17.24 -14.02
N LEU A 159 8.12 18.50 -13.60
CA LEU A 159 7.74 18.85 -12.24
C LEU A 159 6.96 20.15 -12.27
N VAL A 160 6.21 20.40 -11.20
CA VAL A 160 5.44 21.63 -11.02
C VAL A 160 5.83 22.21 -9.66
N ARG A 161 6.52 23.35 -9.68
CA ARG A 161 7.00 24.00 -8.48
C ARG A 161 6.20 25.27 -8.23
N GLU A 162 6.54 25.96 -7.13
CA GLU A 162 5.97 27.26 -6.83
C GLU A 162 6.76 28.35 -7.54
N SER A 163 6.05 29.31 -8.14
CA SER A 163 6.72 30.39 -8.84
C SER A 163 7.41 31.32 -7.86
N GLN A 164 8.62 31.74 -8.23
CA GLN A 164 9.44 32.59 -7.35
C GLN A 164 9.11 34.07 -7.56
N SER A 165 9.27 34.57 -8.78
CA SER A 165 9.04 35.97 -9.08
C SER A 165 7.56 36.32 -8.90
N HIS A 166 6.72 35.87 -9.81
CA HIS A 166 5.29 36.13 -9.72
C HIS A 166 4.67 35.24 -8.65
N PRO A 167 4.19 35.79 -7.53
CA PRO A 167 3.68 34.94 -6.45
C PRO A 167 2.32 34.35 -6.79
N GLY A 168 2.01 33.24 -6.13
CA GLY A 168 0.75 32.56 -6.31
C GLY A 168 0.63 31.76 -7.58
N ASP A 169 1.63 31.80 -8.46
CA ASP A 169 1.61 31.06 -9.71
C ASP A 169 2.46 29.80 -9.60
N PHE A 170 2.56 29.08 -10.71
CA PHE A 170 3.33 27.84 -10.76
C PHE A 170 4.14 27.81 -12.04
N VAL A 171 5.19 26.99 -12.03
CA VAL A 171 6.10 26.86 -13.17
C VAL A 171 6.24 25.38 -13.49
N LEU A 172 5.81 24.99 -14.68
CA LEU A 172 6.01 23.63 -15.16
C LEU A 172 7.41 23.53 -15.78
N SER A 173 8.21 22.60 -15.26
CA SER A 173 9.58 22.40 -15.73
C SER A 173 9.68 20.98 -16.29
N VAL A 174 9.82 20.87 -17.60
CA VAL A 174 9.88 19.59 -18.29
C VAL A 174 11.20 19.49 -19.04
N ARG A 175 11.81 18.31 -19.00
CA ARG A 175 13.07 18.05 -19.69
C ARG A 175 12.82 17.26 -20.96
N THR A 176 13.35 17.77 -22.08
CA THR A 176 13.36 17.09 -23.36
C THR A 176 14.82 16.81 -23.71
N GLY A 177 15.16 15.54 -23.88
CA GLY A 177 16.56 15.16 -23.96
C GLY A 177 17.03 14.58 -25.28
N ASP A 178 18.24 14.03 -25.25
CA ASP A 178 18.89 13.37 -26.38
C ASP A 178 18.16 12.13 -26.84
N ASP A 179 17.03 11.78 -26.23
CA ASP A 179 16.58 10.39 -26.15
C ASP A 179 17.57 9.65 -25.25
N LYS A 180 17.09 9.22 -24.08
CA LYS A 180 17.91 8.78 -22.95
C LYS A 180 18.54 9.99 -22.27
N GLY A 181 19.04 10.94 -23.05
CA GLY A 181 19.51 12.20 -22.51
C GLY A 181 20.78 12.14 -21.70
N GLU A 182 21.45 11.00 -21.65
CA GLU A 182 22.67 10.85 -20.88
C GLU A 182 23.87 10.71 -21.82
N SER A 183 25.03 11.16 -21.33
CA SER A 183 26.26 11.29 -22.10
C SER A 183 26.08 12.34 -23.19
N ASN A 184 27.16 13.07 -23.49
CA ASN A 184 27.14 14.18 -24.44
C ASN A 184 26.23 15.31 -23.95
N ASP A 185 26.17 16.39 -24.72
CA ASP A 185 25.44 17.57 -24.29
C ASP A 185 25.17 18.45 -25.50
N GLY A 186 24.04 19.17 -25.44
CA GLY A 186 23.64 20.09 -26.49
C GLY A 186 22.25 19.80 -27.06
N LYS A 187 21.85 18.54 -27.11
CA LYS A 187 20.56 18.16 -27.66
C LYS A 187 19.56 17.76 -26.57
N SER A 188 19.93 17.92 -25.30
CA SER A 188 19.00 17.82 -24.19
C SER A 188 18.61 19.22 -23.73
N LYS A 189 17.41 19.34 -23.16
CA LYS A 189 16.84 20.66 -22.92
C LYS A 189 15.85 20.59 -21.77
N VAL A 190 15.81 21.66 -20.98
CA VAL A 190 14.81 21.84 -19.93
C VAL A 190 14.03 23.10 -20.26
N THR A 191 12.71 22.97 -20.42
CA THR A 191 11.84 24.06 -20.83
C THR A 191 10.95 24.47 -19.66
N HIS A 192 11.10 25.70 -19.21
CA HIS A 192 10.22 26.26 -18.18
C HIS A 192 8.95 26.81 -18.83
N VAL A 193 7.83 26.61 -18.15
CA VAL A 193 6.52 27.04 -18.64
C VAL A 193 5.79 27.75 -17.50
N MET A 194 5.32 28.97 -17.79
CA MET A 194 4.62 29.75 -16.77
C MET A 194 3.16 29.32 -16.68
N ILE A 195 2.68 29.14 -15.45
CA ILE A 195 1.30 28.75 -15.19
C ILE A 195 0.70 29.83 -14.31
N ARG A 196 0.02 30.79 -14.93
CA ARG A 196 -0.60 31.88 -14.19
C ARG A 196 -1.88 31.41 -13.51
N CYS A 197 -2.03 31.74 -12.24
CA CYS A 197 -3.24 31.44 -11.48
C CYS A 197 -3.99 32.73 -11.22
N GLN A 198 -5.26 32.77 -11.65
CA GLN A 198 -6.08 33.97 -11.51
C GLN A 198 -7.53 33.55 -11.32
N GLU A 199 -8.13 33.98 -10.22
CA GLU A 199 -9.47 33.57 -9.82
C GLU A 199 -9.61 32.05 -9.86
N LEU A 200 -8.78 31.39 -9.04
CA LEU A 200 -8.82 29.96 -8.80
C LEU A 200 -8.32 29.13 -9.99
N LYS A 201 -8.54 29.61 -11.21
CA LYS A 201 -8.23 28.79 -12.37
C LYS A 201 -6.77 28.94 -12.78
N TYR A 202 -6.30 27.97 -13.57
CA TYR A 202 -4.91 27.93 -14.03
C TYR A 202 -4.88 27.82 -15.55
N ASP A 203 -3.80 28.30 -16.14
CA ASP A 203 -3.65 28.33 -17.59
C ASP A 203 -2.20 28.61 -17.94
N VAL A 204 -1.89 28.47 -19.23
CA VAL A 204 -0.56 28.75 -19.75
C VAL A 204 -0.55 30.16 -20.33
N GLY A 205 -1.25 31.08 -19.67
CA GLY A 205 -1.39 32.42 -20.19
C GLY A 205 -2.21 32.51 -21.45
N GLY A 206 -3.03 31.50 -21.74
CA GLY A 206 -3.85 31.49 -22.93
C GLY A 206 -4.45 30.13 -23.22
N GLY A 207 -5.67 30.11 -23.73
CA GLY A 207 -6.35 28.88 -24.07
C GLY A 207 -7.38 28.49 -23.02
N GLU A 208 -7.30 27.26 -22.54
CA GLU A 208 -8.26 26.73 -21.59
C GLU A 208 -7.83 27.06 -20.16
N ARG A 209 -8.82 27.28 -19.29
CA ARG A 209 -8.59 27.52 -17.88
C ARG A 209 -9.09 26.32 -17.09
N PHE A 210 -8.20 25.70 -16.33
CA PHE A 210 -8.50 24.46 -15.61
C PHE A 210 -8.82 24.73 -14.15
N ASP A 211 -9.52 23.78 -13.53
CA ASP A 211 -9.92 23.91 -12.13
C ASP A 211 -8.80 23.55 -11.15
N SER A 212 -7.79 22.83 -11.60
CA SER A 212 -6.69 22.44 -10.72
C SER A 212 -5.44 22.18 -11.56
N LEU A 213 -4.30 22.11 -10.88
CA LEU A 213 -3.07 21.75 -11.56
C LEU A 213 -3.15 20.36 -12.17
N THR A 214 -3.88 19.45 -11.52
CA THR A 214 -4.04 18.10 -12.07
C THR A 214 -4.77 18.15 -13.40
N ASP A 215 -5.93 18.82 -13.45
CA ASP A 215 -6.66 18.96 -14.70
C ASP A 215 -5.80 19.64 -15.77
N LEU A 216 -4.91 20.55 -15.37
CA LEU A 216 -3.98 21.14 -16.31
C LEU A 216 -2.92 20.13 -16.74
N VAL A 217 -2.32 19.43 -15.77
CA VAL A 217 -1.28 18.46 -16.09
C VAL A 217 -1.85 17.29 -16.88
N GLU A 218 -3.00 16.76 -16.43
CA GLU A 218 -3.62 15.65 -17.14
C GLU A 218 -3.98 16.02 -18.58
N HIS A 219 -4.38 17.28 -18.81
CA HIS A 219 -4.74 17.70 -20.16
C HIS A 219 -3.52 17.69 -21.09
N TYR A 220 -2.43 18.33 -20.67
CA TYR A 220 -1.24 18.40 -21.51
C TYR A 220 -0.42 17.12 -21.49
N LYS A 221 -0.74 16.16 -20.62
CA LYS A 221 -0.17 14.83 -20.75
C LYS A 221 -0.79 14.07 -21.91
N LYS A 222 -1.99 14.45 -22.34
CA LYS A 222 -2.62 13.88 -23.53
C LYS A 222 -2.57 14.80 -24.73
N ASN A 223 -2.55 16.12 -24.51
CA ASN A 223 -2.39 17.11 -25.58
C ASN A 223 -1.10 17.87 -25.30
N PRO A 224 0.05 17.31 -25.69
CA PRO A 224 1.34 17.92 -25.32
C PRO A 224 1.52 19.30 -25.95
N MET A 225 2.11 20.20 -25.18
CA MET A 225 2.41 21.54 -25.67
C MET A 225 3.47 21.49 -26.76
N VAL A 226 3.27 22.29 -27.80
CA VAL A 226 4.21 22.38 -28.91
C VAL A 226 4.48 23.85 -29.19
N GLU A 227 5.74 24.20 -29.34
CA GLU A 227 6.14 25.56 -29.67
C GLU A 227 6.57 25.62 -31.13
N THR A 228 6.73 26.85 -31.62
CA THR A 228 7.27 27.05 -32.96
C THR A 228 8.64 26.37 -33.07
N LEU A 229 8.97 25.93 -34.28
CA LEU A 229 10.07 25.03 -34.59
C LEU A 229 9.78 23.61 -34.12
N GLY A 230 8.57 23.34 -33.66
CA GLY A 230 8.04 21.99 -33.51
C GLY A 230 8.66 21.10 -32.45
N THR A 231 8.94 21.64 -31.27
CA THR A 231 9.39 20.83 -30.14
C THR A 231 8.20 20.53 -29.23
N VAL A 232 8.10 19.28 -28.80
CA VAL A 232 6.96 18.79 -28.01
C VAL A 232 7.44 18.53 -26.59
N LEU A 233 6.72 19.08 -25.62
CA LEU A 233 7.05 18.91 -24.20
C LEU A 233 6.23 17.73 -23.67
N GLN A 234 6.77 16.52 -23.82
CA GLN A 234 6.09 15.31 -23.38
C GLN A 234 6.15 15.22 -21.86
N LEU A 235 4.99 15.33 -21.21
CA LEU A 235 4.89 15.13 -19.77
C LEU A 235 4.73 13.63 -19.49
N LYS A 236 5.80 12.89 -19.73
CA LYS A 236 5.80 11.44 -19.58
C LYS A 236 5.65 11.02 -18.13
N GLN A 237 6.75 11.03 -17.38
CA GLN A 237 6.74 10.61 -15.99
C GLN A 237 7.18 11.77 -15.10
N PRO A 238 6.72 11.80 -13.85
CA PRO A 238 7.20 12.83 -12.91
C PRO A 238 8.67 12.64 -12.54
N LEU A 239 9.15 13.44 -11.60
CA LEU A 239 10.53 13.31 -11.15
C LEU A 239 10.65 12.11 -10.20
N ASN A 240 11.67 12.11 -9.35
CA ASN A 240 11.85 11.00 -8.41
C ASN A 240 12.63 11.51 -7.20
N THR A 241 11.90 12.08 -6.24
CA THR A 241 12.48 12.45 -4.96
C THR A 241 12.65 11.26 -4.03
N THR A 242 12.14 10.10 -4.42
CA THR A 242 11.95 8.99 -3.48
C THR A 242 13.16 8.07 -3.37
N ARG A 243 13.70 7.64 -4.51
CA ARG A 243 14.81 6.69 -4.49
C ARG A 243 16.03 7.31 -3.80
N ILE A 244 16.43 6.71 -2.68
CA ILE A 244 17.56 7.18 -1.90
C ILE A 244 18.55 6.04 -1.71
N ASN A 245 19.79 6.41 -1.41
CA ASN A 245 20.79 5.42 -1.06
C ASN A 245 20.51 4.89 0.34
N ALA A 246 20.74 3.57 0.52
CA ALA A 246 20.38 2.93 1.78
C ALA A 246 21.21 3.47 2.94
N ALA A 247 22.41 3.96 2.67
CA ALA A 247 23.24 4.50 3.75
C ALA A 247 22.75 5.86 4.22
N GLU A 248 22.10 6.63 3.34
CA GLU A 248 21.67 7.98 3.64
C GLU A 248 20.23 8.05 4.15
N ILE A 249 19.68 6.93 4.63
CA ILE A 249 18.28 6.93 5.06
C ILE A 249 18.11 7.71 6.35
N GLU A 250 19.11 7.67 7.24
CA GLU A 250 19.01 8.39 8.50
C GLU A 250 18.89 9.89 8.30
N SER A 251 19.34 10.40 7.15
CA SER A 251 19.14 11.81 6.85
C SER A 251 17.80 12.07 6.17
N ARG A 252 17.28 11.07 5.44
CA ARG A 252 15.97 11.20 4.80
C ARG A 252 14.84 11.09 5.82
N VAL A 253 14.96 10.15 6.77
CA VAL A 253 13.97 10.06 7.85
C VAL A 253 13.93 11.36 8.65
N ARG A 254 15.07 12.03 8.78
CA ARG A 254 15.11 13.31 9.46
C ARG A 254 14.30 14.37 8.72
N GLU A 255 14.29 14.31 7.39
CA GLU A 255 13.52 15.28 6.61
C GLU A 255 12.03 15.00 6.70
N LEU A 256 11.64 13.72 6.61
CA LEU A 256 10.24 13.35 6.67
C LEU A 256 9.65 13.46 8.07
N SER A 257 10.43 13.91 9.05
CA SER A 257 9.97 14.00 10.44
C SER A 257 9.64 15.41 10.87
N LYS A 258 10.29 16.42 10.28
CA LYS A 258 9.96 17.81 10.61
C LYS A 258 8.51 18.09 10.23
N LEU A 259 7.79 18.74 11.14
CA LEU A 259 6.35 18.98 10.99
C LEU A 259 6.06 20.46 10.94
N ALA A 260 5.10 20.84 10.09
CA ALA A 260 4.70 22.24 9.94
C ALA A 260 3.37 22.36 9.21
N GLU A 261 2.32 21.76 9.76
CA GLU A 261 0.98 21.86 9.16
C GLU A 261 -0.10 21.55 10.18
N LYS A 265 4.36 25.58 4.29
CA LYS A 265 3.03 25.48 4.89
C LYS A 265 2.66 24.03 5.14
N VAL A 266 3.65 23.14 5.05
CA VAL A 266 3.43 21.70 5.12
C VAL A 266 4.78 20.99 5.13
N LYS A 267 4.89 19.83 5.81
CA LYS A 267 3.90 19.24 6.72
C LYS A 267 4.66 18.26 7.58
N GLN A 268 4.01 17.14 7.91
CA GLN A 268 4.73 15.94 8.35
C GLN A 268 5.18 15.21 7.09
N GLY A 269 6.50 15.14 6.88
CA GLY A 269 7.02 14.60 5.64
C GLY A 269 6.52 13.19 5.35
N PHE A 270 6.39 12.37 6.40
CA PHE A 270 5.83 11.04 6.23
C PHE A 270 4.38 11.11 5.74
N TRP A 271 3.62 12.09 6.26
CA TRP A 271 2.21 12.18 5.89
C TRP A 271 2.04 12.69 4.47
N GLU A 272 2.85 13.68 4.06
CA GLU A 272 2.75 14.19 2.70
C GLU A 272 3.21 13.14 1.68
N GLU A 273 4.20 12.34 2.04
CA GLU A 273 4.68 11.31 1.11
C GLU A 273 3.69 10.16 1.03
N PHE A 274 3.12 9.75 2.16
CA PHE A 274 2.20 8.61 2.16
C PHE A 274 0.90 8.95 1.44
N GLU A 275 0.39 10.17 1.63
CA GLU A 275 -0.83 10.57 0.94
C GLU A 275 -0.61 10.65 -0.56
N THR A 276 0.62 10.93 -1.00
CA THR A 276 0.94 10.83 -2.42
C THR A 276 0.87 9.38 -2.89
N LEU A 277 1.32 8.45 -2.06
CA LEU A 277 1.23 7.03 -2.39
C LEU A 277 -0.23 6.57 -2.41
N GLN A 278 -1.05 7.11 -1.51
CA GLN A 278 -2.46 6.74 -1.49
C GLN A 278 -3.18 7.24 -2.73
N GLN A 279 -2.79 8.41 -3.25
CA GLN A 279 -3.44 8.98 -4.42
C GLN A 279 -3.13 8.20 -5.70
N GLN A 280 -2.25 7.20 -5.63
CA GLN A 280 -1.96 6.34 -6.76
C GLN A 280 -2.62 4.97 -6.64
N GLU A 281 -3.50 4.78 -5.65
CA GLU A 281 -4.01 3.44 -5.36
C GLU A 281 -5.07 2.99 -6.35
N CYS A 282 -5.85 3.90 -6.94
CA CYS A 282 -6.87 3.51 -7.91
C CYS A 282 -6.30 3.20 -9.28
N LYS A 283 -5.00 3.39 -9.49
CA LYS A 283 -4.32 2.81 -10.62
C LYS A 283 -4.09 1.32 -10.46
N LEU A 284 -4.59 0.73 -9.37
CA LEU A 284 -4.42 -0.68 -9.05
C LEU A 284 -5.78 -1.31 -8.76
N LEU A 285 -6.80 -0.91 -9.51
CA LEU A 285 -8.14 -1.48 -9.36
C LEU A 285 -8.30 -2.66 -10.32
N TYR A 286 -7.52 -3.71 -10.03
CA TYR A 286 -7.52 -4.90 -10.85
C TYR A 286 -8.68 -5.82 -10.48
N SER A 287 -9.03 -6.70 -11.41
CA SER A 287 -10.22 -7.52 -11.24
C SER A 287 -9.99 -8.61 -10.20
N ARG A 288 -10.91 -8.70 -9.24
CA ARG A 288 -10.89 -9.77 -8.24
C ARG A 288 -12.18 -10.56 -8.32
N LYS A 289 -12.58 -10.95 -9.54
CA LYS A 289 -13.89 -11.56 -9.73
C LYS A 289 -13.95 -13.02 -9.33
N GLU A 290 -12.81 -13.73 -9.31
CA GLU A 290 -12.81 -15.11 -8.85
C GLU A 290 -13.18 -15.23 -7.38
N GLY A 291 -12.97 -14.18 -6.59
CA GLY A 291 -13.43 -14.15 -5.22
C GLY A 291 -14.86 -13.69 -5.03
N GLN A 292 -15.45 -13.06 -6.04
CA GLN A 292 -16.83 -12.59 -5.97
C GLN A 292 -17.85 -13.66 -6.33
N ARG A 293 -17.40 -14.86 -6.68
CA ARG A 293 -18.31 -15.93 -7.05
C ARG A 293 -19.13 -16.39 -5.84
N GLN A 294 -20.35 -16.85 -6.11
CA GLN A 294 -21.23 -17.32 -5.04
C GLN A 294 -20.62 -18.52 -4.32
N GLU A 295 -19.95 -19.40 -5.06
CA GLU A 295 -19.37 -20.60 -4.45
C GLU A 295 -18.25 -20.25 -3.47
N ASN A 296 -17.55 -19.14 -3.71
CA ASN A 296 -16.46 -18.71 -2.85
C ASN A 296 -16.87 -17.58 -1.90
N LYS A 297 -18.17 -17.46 -1.62
CA LYS A 297 -18.66 -16.36 -0.79
C LYS A 297 -18.14 -16.47 0.64
N ASN A 298 -18.33 -17.63 1.26
CA ASN A 298 -17.93 -17.84 2.65
C ASN A 298 -16.48 -18.31 2.78
N LYS A 299 -15.70 -18.25 1.71
CA LYS A 299 -14.29 -18.58 1.75
C LYS A 299 -13.40 -17.36 1.98
N ASN A 300 -14.01 -16.21 2.25
CA ASN A 300 -13.27 -14.98 2.52
C ASN A 300 -13.66 -14.48 3.91
N ARG A 301 -12.64 -14.19 4.74
CA ARG A 301 -12.92 -13.68 6.08
C ARG A 301 -13.64 -12.35 6.02
N TYR A 302 -13.26 -11.49 5.06
CA TYR A 302 -13.93 -10.23 4.81
C TYR A 302 -14.40 -10.22 3.36
N LYS A 303 -15.68 -9.93 3.16
CA LYS A 303 -16.33 -10.27 1.88
C LYS A 303 -15.87 -9.38 0.74
N ASN A 304 -15.49 -8.13 1.03
CA ASN A 304 -15.08 -7.19 -0.01
C ASN A 304 -13.57 -7.08 -0.15
N ILE A 305 -12.80 -7.78 0.68
CA ILE A 305 -11.35 -7.84 0.56
C ILE A 305 -11.01 -9.15 -0.11
N LEU A 306 -10.56 -9.08 -1.36
CA LEU A 306 -10.41 -10.24 -2.22
C LEU A 306 -9.04 -10.25 -2.88
N PRO A 307 -8.57 -11.41 -3.33
CA PRO A 307 -7.29 -11.47 -4.03
C PRO A 307 -7.42 -11.12 -5.51
N PHE A 308 -6.35 -10.54 -6.05
CA PHE A 308 -6.28 -10.26 -7.47
C PHE A 308 -6.32 -11.56 -8.27
N ASP A 309 -7.07 -11.56 -9.37
CA ASP A 309 -7.21 -12.76 -10.17
C ASP A 309 -5.91 -13.17 -10.85
N HIS A 310 -5.07 -12.19 -11.20
CA HIS A 310 -3.85 -12.49 -11.93
C HIS A 310 -2.69 -12.89 -11.03
N THR A 311 -2.83 -12.77 -9.71
CA THR A 311 -1.81 -13.20 -8.78
C THR A 311 -2.34 -14.12 -7.69
N ARG A 312 -3.57 -14.62 -7.83
CA ARG A 312 -4.14 -15.50 -6.82
C ARG A 312 -3.46 -16.86 -6.84
N VAL A 313 -3.45 -17.50 -5.68
CA VAL A 313 -2.95 -18.87 -5.56
C VAL A 313 -4.05 -19.82 -6.03
N VAL A 314 -3.74 -20.64 -7.03
CA VAL A 314 -4.70 -21.56 -7.63
C VAL A 314 -4.37 -22.96 -7.15
N LEU A 315 -5.29 -23.57 -6.40
CA LEU A 315 -5.07 -24.92 -5.92
C LEU A 315 -5.32 -25.94 -7.03
N HIS A 316 -4.73 -27.13 -6.87
CA HIS A 316 -4.84 -28.20 -7.86
C HIS A 316 -5.23 -29.49 -7.14
N ASP A 317 -6.49 -29.54 -6.68
CA ASP A 317 -7.02 -30.78 -6.13
C ASP A 317 -6.97 -31.90 -7.15
N GLY A 318 -7.27 -31.58 -8.40
CA GLY A 318 -7.29 -32.55 -9.47
C GLY A 318 -8.70 -32.91 -9.88
N ASP A 319 -8.82 -34.09 -10.47
CA ASP A 319 -10.12 -34.60 -10.91
C ASP A 319 -11.01 -34.85 -9.69
N PRO A 320 -12.20 -34.25 -9.65
CA PRO A 320 -13.06 -34.40 -8.46
C PRO A 320 -13.39 -35.86 -8.17
N ASN A 321 -13.60 -36.21 -6.89
CA ASN A 321 -13.50 -35.40 -5.66
C ASN A 321 -14.23 -34.05 -5.65
N GLU A 322 -15.55 -34.10 -5.74
CA GLU A 322 -16.34 -32.90 -6.01
C GLU A 322 -16.21 -31.90 -4.86
N PRO A 323 -16.06 -30.60 -5.16
CA PRO A 323 -15.89 -30.10 -6.53
C PRO A 323 -14.45 -29.69 -6.83
N VAL A 324 -13.51 -30.28 -6.09
CA VAL A 324 -12.10 -29.94 -6.15
C VAL A 324 -11.88 -28.53 -5.62
N SER A 325 -12.27 -27.53 -6.42
CA SER A 325 -12.14 -26.11 -6.09
C SER A 325 -10.69 -25.68 -6.04
N ASP A 326 -10.42 -24.44 -6.47
CA ASP A 326 -9.05 -23.94 -6.59
C ASP A 326 -8.86 -22.60 -5.91
N TYR A 327 -9.79 -22.16 -5.07
CA TYR A 327 -9.79 -20.79 -4.56
C TYR A 327 -9.27 -20.73 -3.13
N ILE A 328 -8.44 -19.72 -2.87
CA ILE A 328 -8.03 -19.37 -1.52
C ILE A 328 -7.65 -17.90 -1.53
N ASN A 329 -8.06 -17.18 -0.47
CA ASN A 329 -7.78 -15.75 -0.37
C ASN A 329 -6.29 -15.57 -0.10
N ALA A 330 -5.51 -15.63 -1.18
CA ALA A 330 -4.06 -15.53 -1.08
C ALA A 330 -3.50 -15.07 -2.41
N ASN A 331 -2.51 -14.17 -2.36
CA ASN A 331 -1.84 -13.66 -3.55
C ASN A 331 -0.35 -13.94 -3.46
N ILE A 332 0.24 -14.27 -4.60
CA ILE A 332 1.68 -14.46 -4.68
C ILE A 332 2.35 -13.11 -4.78
N ILE A 333 3.36 -12.89 -3.95
CA ILE A 333 4.13 -11.64 -3.92
C ILE A 333 5.53 -11.94 -4.43
N MET A 334 5.90 -11.32 -5.55
CA MET A 334 7.21 -11.52 -6.14
C MET A 334 7.82 -10.18 -6.54
N PRO A 335 8.94 -9.77 -5.91
CA PRO A 335 9.67 -8.55 -6.28
C PRO A 335 10.20 -8.60 -7.72
N LYS A 348 13.64 -14.41 -3.46
CA LYS A 348 12.68 -14.91 -2.49
C LYS A 348 11.29 -14.31 -2.70
N SER A 349 10.29 -15.17 -2.84
CA SER A 349 8.91 -14.74 -3.02
C SER A 349 8.14 -14.90 -1.72
N TYR A 350 6.87 -14.49 -1.74
CA TYR A 350 6.02 -14.51 -0.56
C TYR A 350 4.61 -14.92 -0.96
N ILE A 351 3.83 -15.30 0.05
CA ILE A 351 2.41 -15.55 -0.11
C ILE A 351 1.67 -14.79 0.98
N ALA A 352 0.85 -13.82 0.58
CA ALA A 352 0.06 -13.01 1.50
C ALA A 352 -1.36 -13.55 1.50
N THR A 353 -1.74 -14.20 2.58
CA THR A 353 -3.06 -14.82 2.72
C THR A 353 -3.81 -14.20 3.89
N GLN A 354 -5.01 -14.72 4.12
CA GLN A 354 -5.86 -14.27 5.22
C GLN A 354 -5.73 -15.22 6.40
N GLY A 355 -6.26 -14.77 7.55
CA GLY A 355 -6.41 -15.65 8.68
C GLY A 355 -7.38 -16.77 8.33
N CYS A 356 -7.00 -18.01 8.64
CA CYS A 356 -7.78 -19.16 8.22
C CYS A 356 -9.19 -19.11 8.81
N LEU A 357 -10.17 -19.48 8.00
CA LEU A 357 -11.53 -19.70 8.43
C LEU A 357 -11.75 -21.18 8.70
N GLN A 358 -12.86 -21.50 9.36
CA GLN A 358 -13.17 -22.89 9.69
C GLN A 358 -13.19 -23.76 8.44
N ASN A 359 -13.83 -23.27 7.37
CA ASN A 359 -13.98 -24.04 6.14
C ASN A 359 -12.80 -23.88 5.19
N THR A 360 -11.76 -23.15 5.57
CA THR A 360 -10.61 -22.93 4.71
C THR A 360 -9.31 -23.46 5.29
N VAL A 361 -9.35 -24.12 6.46
CA VAL A 361 -8.13 -24.71 7.01
C VAL A 361 -7.62 -25.82 6.10
N ASN A 362 -8.54 -26.60 5.53
CA ASN A 362 -8.14 -27.64 4.59
C ASN A 362 -7.46 -27.06 3.36
N ASP A 363 -8.05 -26.01 2.78
CA ASP A 363 -7.47 -25.39 1.59
C ASP A 363 -6.16 -24.69 1.92
N PHE A 364 -6.01 -24.20 3.15
CA PHE A 364 -4.75 -23.56 3.55
C PHE A 364 -3.60 -24.55 3.48
N TRP A 365 -3.75 -25.71 4.11
CA TRP A 365 -2.68 -26.71 4.08
C TRP A 365 -2.46 -27.30 2.71
N ARG A 366 -3.45 -27.23 1.82
CA ARG A 366 -3.23 -27.60 0.44
C ARG A 366 -2.33 -26.59 -0.26
N MET A 367 -2.48 -25.31 0.08
CA MET A 367 -1.64 -24.26 -0.50
C MET A 367 -0.20 -24.40 -0.04
N VAL A 368 0.01 -24.68 1.25
CA VAL A 368 1.35 -24.83 1.78
C VAL A 368 2.05 -26.02 1.13
N PHE A 369 1.30 -27.07 0.81
CA PHE A 369 1.91 -28.26 0.21
C PHE A 369 2.28 -28.03 -1.25
N GLN A 370 1.34 -27.53 -2.05
CA GLN A 370 1.60 -27.41 -3.49
C GLN A 370 2.62 -26.34 -3.80
N GLU A 371 2.66 -25.26 -3.01
CA GLU A 371 3.64 -24.21 -3.21
C GLU A 371 4.99 -24.53 -2.59
N ASN A 372 5.12 -25.70 -1.95
CA ASN A 372 6.36 -26.13 -1.31
C ASN A 372 6.82 -25.15 -0.24
N SER A 373 5.88 -24.45 0.40
CA SER A 373 6.22 -23.51 1.45
C SER A 373 6.74 -24.25 2.68
N ARG A 374 7.75 -23.66 3.33
CA ARG A 374 8.35 -24.25 4.51
C ARG A 374 8.36 -23.32 5.71
N VAL A 375 8.03 -22.04 5.54
CA VAL A 375 8.03 -21.06 6.63
C VAL A 375 6.72 -20.29 6.57
N ILE A 376 6.04 -20.22 7.71
CA ILE A 376 4.77 -19.51 7.84
C ILE A 376 4.94 -18.40 8.85
N VAL A 377 4.61 -17.17 8.45
CA VAL A 377 4.68 -16.00 9.31
C VAL A 377 3.26 -15.63 9.72
N MET A 378 2.99 -15.69 11.02
CA MET A 378 1.69 -15.34 11.58
C MET A 378 1.87 -14.10 12.44
N THR A 379 1.32 -12.98 11.99
CA THR A 379 1.49 -11.69 12.64
C THR A 379 0.27 -11.29 13.46
N THR A 380 -0.53 -12.25 13.89
CA THR A 380 -1.73 -11.98 14.67
C THR A 380 -1.87 -13.04 15.76
N LYS A 381 -2.44 -12.62 16.89
CA LYS A 381 -2.79 -13.58 17.93
C LYS A 381 -4.06 -14.33 17.53
N GLU A 382 -4.31 -15.44 18.22
CA GLU A 382 -5.49 -16.25 17.90
C GLU A 382 -6.78 -15.46 18.09
N VAL A 383 -6.76 -14.48 18.99
CA VAL A 383 -7.91 -13.59 19.21
C VAL A 383 -7.40 -12.28 19.81
N GLU A 384 -7.77 -11.17 19.17
CA GLU A 384 -7.30 -9.85 19.57
C GLU A 384 -8.49 -8.93 19.80
N ARG A 385 -8.52 -8.29 20.97
CA ARG A 385 -9.59 -7.37 21.36
C ARG A 385 -10.97 -8.05 21.30
N GLY A 386 -11.00 -9.32 21.70
CA GLY A 386 -12.23 -10.07 21.78
C GLY A 386 -12.75 -10.63 20.46
N LYS A 387 -12.30 -10.10 19.33
CA LYS A 387 -12.74 -10.55 18.02
C LYS A 387 -11.73 -11.53 17.45
N SER A 388 -12.21 -12.69 17.01
CA SER A 388 -11.32 -13.69 16.42
C SER A 388 -10.87 -13.23 15.03
N LYS A 389 -9.55 -13.24 14.81
CA LYS A 389 -8.98 -12.86 13.53
C LYS A 389 -8.32 -14.02 12.80
N CYS A 390 -8.14 -15.17 13.46
CA CYS A 390 -7.58 -16.36 12.82
C CYS A 390 -7.84 -17.58 13.70
N VAL A 391 -8.30 -18.68 13.10
CA VAL A 391 -8.57 -19.89 13.85
C VAL A 391 -7.28 -20.72 13.94
N LYS A 392 -7.22 -21.57 14.97
CA LYS A 392 -6.05 -22.40 15.18
C LYS A 392 -6.03 -23.51 14.14
N TYR A 393 -5.12 -23.42 13.17
CA TYR A 393 -4.99 -24.40 12.10
C TYR A 393 -3.87 -25.39 12.35
N TRP A 394 -3.10 -25.24 13.44
CA TRP A 394 -2.02 -26.14 13.79
C TRP A 394 -2.42 -27.04 14.95
N PRO A 395 -1.95 -28.28 14.98
CA PRO A 395 -2.24 -29.15 16.11
C PRO A 395 -1.49 -28.72 17.36
N ASP A 396 -1.98 -29.19 18.50
CA ASP A 396 -1.29 -28.94 19.75
C ASP A 396 0.06 -29.64 19.76
N GLU A 397 0.91 -29.25 20.72
CA GLU A 397 2.26 -29.78 20.77
C GLU A 397 2.24 -31.30 20.92
N TYR A 398 3.09 -31.97 20.13
CA TYR A 398 3.24 -33.43 20.09
C TYR A 398 1.99 -34.13 19.55
N ALA A 399 1.07 -33.41 18.91
CA ALA A 399 -0.15 -34.00 18.41
C ALA A 399 -0.11 -34.10 16.88
N LEU A 400 -0.95 -35.00 16.36
CA LEU A 400 -1.07 -35.24 14.93
C LEU A 400 -2.52 -35.02 14.53
N LYS A 401 -2.74 -34.24 13.48
CA LYS A 401 -4.09 -33.90 13.04
C LYS A 401 -4.17 -33.98 11.53
N GLU A 402 -5.31 -34.49 11.04
CA GLU A 402 -5.56 -34.59 9.61
C GLU A 402 -6.54 -33.48 9.19
N TYR A 403 -6.16 -32.72 8.17
CA TYR A 403 -7.01 -31.67 7.62
C TYR A 403 -7.40 -32.06 6.20
N GLY A 404 -8.23 -33.10 6.10
CA GLY A 404 -8.63 -33.62 4.81
C GLY A 404 -7.54 -34.47 4.18
N VAL A 405 -7.02 -34.02 3.04
CA VAL A 405 -5.97 -34.77 2.36
C VAL A 405 -4.63 -34.60 3.05
N MET A 406 -4.45 -33.53 3.82
CA MET A 406 -3.17 -33.22 4.45
C MET A 406 -3.15 -33.67 5.90
N ARG A 407 -1.94 -33.93 6.39
CA ARG A 407 -1.71 -34.36 7.76
C ARG A 407 -0.56 -33.55 8.34
N VAL A 408 -0.77 -32.96 9.52
CA VAL A 408 0.20 -32.07 10.15
C VAL A 408 0.55 -32.61 11.52
N ARG A 409 1.85 -32.68 11.81
CA ARG A 409 2.36 -33.04 13.13
C ARG A 409 3.04 -31.84 13.76
N ASN A 410 2.69 -31.54 15.01
CA ASN A 410 3.35 -30.49 15.77
C ASN A 410 4.50 -31.13 16.54
N VAL A 411 5.73 -30.88 16.09
CA VAL A 411 6.88 -31.57 16.66
C VAL A 411 7.39 -30.84 17.90
N LYS A 412 7.54 -29.53 17.82
CA LYS A 412 8.11 -28.77 18.92
C LYS A 412 7.60 -27.33 18.87
N GLU A 413 7.53 -26.70 20.03
CA GLU A 413 7.14 -25.30 20.16
C GLU A 413 8.20 -24.57 20.96
N SER A 414 8.99 -23.73 20.29
CA SER A 414 9.97 -22.88 20.96
C SER A 414 9.31 -21.58 21.37
N ALA A 415 9.54 -21.17 22.62
CA ALA A 415 8.86 -20.03 23.22
C ALA A 415 9.86 -18.92 23.51
N ALA A 416 10.26 -18.20 22.46
CA ALA A 416 10.96 -16.94 22.65
C ALA A 416 9.96 -15.85 23.02
N HIS A 417 10.45 -14.63 23.22
CA HIS A 417 9.58 -13.50 23.42
C HIS A 417 9.48 -12.69 22.13
N ASP A 418 8.26 -12.22 21.85
CA ASP A 418 7.81 -11.57 20.61
C ASP A 418 7.27 -12.59 19.62
N TYR A 419 7.67 -13.86 19.74
CA TYR A 419 7.20 -14.86 18.79
C TYR A 419 7.29 -16.25 19.40
N THR A 420 6.76 -17.22 18.65
CA THR A 420 6.79 -18.64 19.02
C THR A 420 7.03 -19.45 17.76
N LEU A 421 8.06 -20.30 17.78
CA LEU A 421 8.40 -21.14 16.65
C LEU A 421 7.80 -22.53 16.84
N ARG A 422 7.13 -23.03 15.81
CA ARG A 422 6.50 -24.35 15.83
C ARG A 422 7.05 -25.19 14.69
N GLU A 423 7.74 -26.27 15.04
CA GLU A 423 8.24 -27.21 14.05
C GLU A 423 7.12 -28.14 13.66
N LEU A 424 6.65 -28.02 12.41
CA LEU A 424 5.51 -28.79 11.91
C LEU A 424 5.95 -29.68 10.75
N LYS A 425 5.37 -30.88 10.69
CA LYS A 425 5.61 -31.81 9.60
C LYS A 425 4.34 -31.94 8.77
N LEU A 426 4.39 -31.53 7.51
CA LEU A 426 3.24 -31.55 6.63
C LEU A 426 3.37 -32.75 5.69
N SER A 427 2.36 -33.62 5.70
CA SER A 427 2.33 -34.80 4.86
C SER A 427 0.95 -34.95 4.25
N LYS A 428 0.84 -35.85 3.27
CA LYS A 428 -0.41 -36.11 2.57
C LYS A 428 -0.96 -37.45 3.03
N VAL A 429 -2.23 -37.46 3.45
CA VAL A 429 -2.83 -38.66 4.00
C VAL A 429 -2.90 -39.75 2.94
N GLY A 430 -2.52 -40.97 3.31
CA GLY A 430 -2.55 -42.10 2.40
C GLY A 430 -1.40 -42.16 1.42
N GLN A 431 -0.37 -41.32 1.58
CA GLN A 431 0.73 -41.26 0.64
C GLN A 431 2.04 -41.11 1.40
N GLY A 432 3.10 -41.68 0.84
CA GLY A 432 4.43 -41.54 1.38
C GLY A 432 5.28 -40.57 0.56
N ASN A 433 6.45 -40.26 1.10
CA ASN A 433 7.39 -39.31 0.49
C ASN A 433 6.76 -37.93 0.29
N THR A 434 5.85 -37.56 1.18
CA THR A 434 5.23 -36.24 1.17
C THR A 434 5.54 -35.44 2.42
N GLU A 435 6.33 -35.98 3.34
CA GLU A 435 6.58 -35.32 4.61
C GLU A 435 7.64 -34.24 4.44
N ARG A 436 7.30 -33.02 4.86
CA ARG A 436 8.22 -31.90 4.84
C ARG A 436 8.06 -31.11 6.13
N THR A 437 9.14 -30.50 6.58
CA THR A 437 9.13 -29.73 7.83
C THR A 437 8.77 -28.29 7.52
N VAL A 438 7.69 -27.82 8.14
CA VAL A 438 7.20 -26.44 7.99
C VAL A 438 7.41 -25.72 9.31
N TRP A 439 8.14 -24.61 9.27
CA TRP A 439 8.48 -23.84 10.47
C TRP A 439 7.54 -22.64 10.55
N GLN A 440 6.56 -22.72 11.44
CA GLN A 440 5.59 -21.65 11.62
C GLN A 440 6.11 -20.66 12.65
N TYR A 441 6.27 -19.41 12.23
CA TYR A 441 6.69 -18.34 13.13
C TYR A 441 5.47 -17.49 13.48
N HIS A 442 5.15 -17.45 14.77
CA HIS A 442 3.93 -16.82 15.27
C HIS A 442 4.32 -15.61 16.11
N PHE A 443 4.30 -14.42 15.49
CA PHE A 443 4.56 -13.19 16.23
C PHE A 443 3.38 -12.88 17.15
N ARG A 444 3.68 -12.60 18.42
CA ARG A 444 2.66 -12.47 19.44
C ARG A 444 2.59 -11.09 20.10
N THR A 445 3.57 -10.22 19.88
CA THR A 445 3.65 -8.95 20.59
C THR A 445 3.38 -7.75 19.69
N TRP A 446 2.56 -7.93 18.66
CA TRP A 446 2.13 -6.77 17.89
C TRP A 446 0.96 -6.10 18.59
N PRO A 447 1.02 -4.79 18.84
CA PRO A 447 -0.04 -4.14 19.63
C PRO A 447 -1.40 -4.24 18.95
N ASP A 448 -2.44 -4.28 19.78
CA ASP A 448 -3.80 -4.33 19.26
C ASP A 448 -4.15 -3.06 18.49
N HIS A 449 -3.56 -1.93 18.88
CA HIS A 449 -3.79 -0.64 18.22
C HIS A 449 -2.45 -0.09 17.72
N GLY A 450 -2.35 0.07 16.40
CA GLY A 450 -1.18 0.72 15.83
C GLY A 450 -0.03 -0.22 15.57
N VAL A 451 1.18 0.31 15.72
CA VAL A 451 2.41 -0.41 15.40
C VAL A 451 3.27 -0.44 16.66
N PRO A 452 4.23 -1.34 16.73
CA PRO A 452 5.15 -1.35 17.89
C PRO A 452 5.95 -0.07 17.98
N SER A 453 6.55 0.13 19.16
CA SER A 453 7.37 1.31 19.42
C SER A 453 8.83 1.10 19.13
N ASP A 454 9.28 -0.15 18.96
CA ASP A 454 10.68 -0.43 18.64
C ASP A 454 10.76 -1.50 17.58
N PRO A 455 11.35 -1.20 16.42
CA PRO A 455 11.43 -2.21 15.34
C PRO A 455 12.37 -3.35 15.64
N GLY A 456 13.15 -3.28 16.72
CA GLY A 456 14.11 -4.34 17.01
C GLY A 456 13.46 -5.70 17.11
N GLY A 457 12.24 -5.77 17.64
CA GLY A 457 11.55 -7.05 17.73
C GLY A 457 11.22 -7.62 16.37
N VAL A 458 10.73 -6.79 15.46
CA VAL A 458 10.40 -7.27 14.12
C VAL A 458 11.66 -7.56 13.33
N LEU A 459 12.70 -6.73 13.49
CA LEU A 459 13.93 -6.94 12.74
C LEU A 459 14.64 -8.21 13.20
N ASP A 460 14.67 -8.46 14.52
CA ASP A 460 15.21 -9.72 15.01
C ASP A 460 14.34 -10.90 14.59
N PHE A 461 13.01 -10.70 14.59
CA PHE A 461 12.10 -11.76 14.16
C PHE A 461 12.32 -12.11 12.70
N LEU A 462 12.45 -11.11 11.84
CA LEU A 462 12.67 -11.37 10.42
C LEU A 462 14.04 -11.96 10.15
N GLU A 463 15.03 -11.65 10.99
CA GLU A 463 16.38 -12.17 10.77
C GLU A 463 16.42 -13.68 10.97
N GLU A 464 15.68 -14.19 11.96
CA GLU A 464 15.61 -15.63 12.15
C GLU A 464 14.74 -16.28 11.09
N VAL A 465 13.65 -15.61 10.69
CA VAL A 465 12.78 -16.14 9.65
C VAL A 465 13.53 -16.25 8.33
N HIS A 466 14.34 -15.24 8.00
CA HIS A 466 15.08 -15.26 6.74
C HIS A 466 16.14 -16.36 6.74
N HIS A 467 16.86 -16.54 7.84
CA HIS A 467 17.91 -17.55 7.89
C HIS A 467 17.32 -18.96 7.83
N LYS A 468 16.17 -19.18 8.46
CA LYS A 468 15.51 -20.47 8.36
C LYS A 468 15.05 -20.73 6.93
N GLN A 469 14.53 -19.71 6.26
CA GLN A 469 14.10 -19.85 4.88
C GLN A 469 15.28 -20.16 3.96
N GLU A 470 16.36 -19.38 4.07
CA GLU A 470 17.51 -19.58 3.22
C GLU A 470 18.24 -20.89 3.51
N SER A 471 18.04 -21.47 4.69
CA SER A 471 18.70 -22.73 5.03
C SER A 471 18.08 -23.94 4.33
N ILE A 472 16.90 -23.79 3.75
CA ILE A 472 16.21 -24.87 3.06
C ILE A 472 16.30 -24.60 1.56
N MET A 473 16.91 -25.52 0.83
CA MET A 473 17.13 -25.33 -0.60
C MET A 473 15.82 -25.41 -1.37
N ASP A 474 15.57 -24.40 -2.20
CA ASP A 474 14.40 -24.35 -3.08
C ASP A 474 13.09 -24.47 -2.28
N ALA A 475 13.07 -23.87 -1.10
CA ALA A 475 11.83 -23.74 -0.36
C ALA A 475 10.88 -22.79 -1.10
N GLY A 476 9.59 -23.05 -0.98
CA GLY A 476 8.59 -22.24 -1.62
C GLY A 476 8.52 -20.84 -1.04
N PRO A 477 7.54 -20.06 -1.48
CA PRO A 477 7.37 -18.71 -0.95
C PRO A 477 7.07 -18.73 0.55
N VAL A 478 7.29 -17.59 1.19
CA VAL A 478 7.03 -17.45 2.62
C VAL A 478 5.55 -17.09 2.80
N VAL A 479 4.85 -17.88 3.60
CA VAL A 479 3.43 -17.66 3.85
C VAL A 479 3.30 -16.67 4.98
N VAL A 480 2.82 -15.47 4.67
CA VAL A 480 2.58 -14.42 5.65
C VAL A 480 1.08 -14.13 5.67
N HIS A 481 0.52 -14.03 6.88
CA HIS A 481 -0.91 -13.76 7.02
C HIS A 481 -1.16 -13.09 8.36
N CYS A 482 -2.36 -12.51 8.47
CA CYS A 482 -2.80 -11.89 9.71
C CYS A 482 -4.32 -11.98 9.81
N SER A 483 -4.98 -10.83 9.99
CA SER A 483 -6.44 -10.80 9.95
C SER A 483 -6.91 -10.79 8.50
N ALA A 484 -7.02 -9.60 7.91
CA ALA A 484 -7.41 -9.50 6.51
C ALA A 484 -6.29 -9.91 5.58
N GLY A 485 -5.03 -9.73 6.00
CA GLY A 485 -3.90 -10.08 5.17
C GLY A 485 -3.37 -8.97 4.29
N ILE A 486 -3.54 -7.72 4.70
CA ILE A 486 -3.10 -6.59 3.88
C ILE A 486 -2.30 -5.62 4.73
N GLY A 487 -2.68 -5.47 6.00
CA GLY A 487 -2.01 -4.53 6.88
C GLY A 487 -0.69 -5.01 7.41
N ARG A 488 -0.72 -5.72 8.54
CA ARG A 488 0.52 -6.26 9.12
C ARG A 488 1.19 -7.22 8.13
N THR A 489 0.40 -8.00 7.40
CA THR A 489 0.97 -8.90 6.41
C THR A 489 1.76 -8.15 5.35
N GLY A 490 1.21 -7.02 4.87
CA GLY A 490 1.94 -6.22 3.90
C GLY A 490 3.11 -5.48 4.53
N THR A 491 2.94 -5.01 5.76
CA THR A 491 4.01 -4.28 6.44
C THR A 491 5.21 -5.18 6.70
N PHE A 492 4.96 -6.43 7.11
CA PHE A 492 6.06 -7.36 7.34
C PHE A 492 6.83 -7.66 6.05
N ILE A 493 6.11 -7.85 4.95
CA ILE A 493 6.75 -8.25 3.70
C ILE A 493 7.59 -7.12 3.14
N VAL A 494 7.05 -5.90 3.13
CA VAL A 494 7.79 -4.77 2.58
C VAL A 494 9.07 -4.53 3.37
N ILE A 495 9.00 -4.65 4.69
CA ILE A 495 10.20 -4.53 5.51
C ILE A 495 11.20 -5.63 5.15
N ASP A 496 10.70 -6.84 4.89
CA ASP A 496 11.59 -7.93 4.52
C ASP A 496 12.16 -7.75 3.12
N ILE A 497 11.40 -7.16 2.21
CA ILE A 497 11.90 -6.92 0.86
C ILE A 497 13.04 -5.91 0.88
N LEU A 498 12.89 -4.84 1.66
CA LEU A 498 13.94 -3.83 1.74
C LEU A 498 15.18 -4.37 2.43
N ILE A 499 15.02 -5.27 3.40
CA ILE A 499 16.16 -5.83 4.09
C ILE A 499 16.89 -6.84 3.20
N ASP A 500 16.15 -7.64 2.43
CA ASP A 500 16.77 -8.57 1.50
C ASP A 500 17.66 -7.85 0.49
N ILE A 501 17.26 -6.63 0.08
CA ILE A 501 18.10 -5.84 -0.81
C ILE A 501 19.35 -5.37 -0.09
N ILE A 502 19.19 -4.95 1.17
CA ILE A 502 20.32 -4.38 1.91
C ILE A 502 21.27 -5.46 2.38
N ARG A 503 20.74 -6.59 2.86
CA ARG A 503 21.60 -7.67 3.34
C ARG A 503 22.43 -8.24 2.21
N GLU A 504 21.93 -8.19 0.97
CA GLU A 504 22.66 -8.70 -0.19
C GLU A 504 23.58 -7.62 -0.76
N LYS A 505 23.00 -6.65 -1.45
CA LYS A 505 23.78 -5.65 -2.18
C LYS A 505 24.57 -4.72 -1.28
N GLY A 506 24.37 -4.76 0.03
CA GLY A 506 25.13 -3.94 0.94
C GLY A 506 24.43 -2.65 1.32
N VAL A 507 25.19 -1.76 1.92
CA VAL A 507 24.65 -0.50 2.41
C VAL A 507 24.62 0.56 1.31
N ASP A 508 25.52 0.48 0.33
CA ASP A 508 25.54 1.44 -0.79
C ASP A 508 24.69 0.89 -1.94
N CYS A 509 23.38 0.90 -1.72
CA CYS A 509 22.41 0.50 -2.72
C CYS A 509 21.19 1.39 -2.60
N ASP A 510 20.46 1.52 -3.70
CA ASP A 510 19.30 2.40 -3.76
C ASP A 510 18.05 1.66 -3.30
N ILE A 511 17.32 2.26 -2.36
CA ILE A 511 16.04 1.75 -1.89
C ILE A 511 14.98 2.80 -2.16
N ASP A 512 13.76 2.34 -2.41
CA ASP A 512 12.64 3.20 -2.77
C ASP A 512 11.39 2.60 -2.14
N VAL A 513 10.92 3.21 -1.04
CA VAL A 513 9.88 2.60 -0.22
C VAL A 513 8.51 2.74 -0.88
N PRO A 514 8.03 3.95 -1.23
CA PRO A 514 6.76 4.04 -1.96
C PRO A 514 6.70 3.19 -3.21
N LYS A 515 7.76 3.16 -4.02
CA LYS A 515 7.77 2.27 -5.18
C LYS A 515 7.71 0.81 -4.74
N THR A 516 8.30 0.49 -3.59
CA THR A 516 8.19 -0.88 -3.06
C THR A 516 6.77 -1.15 -2.57
N ILE A 517 6.17 -0.21 -1.85
CA ILE A 517 4.79 -0.37 -1.41
C ILE A 517 3.86 -0.50 -2.61
N GLN A 518 3.99 0.42 -3.57
CA GLN A 518 3.12 0.40 -4.75
C GLN A 518 3.30 -0.88 -5.55
N MET A 519 4.53 -1.37 -5.64
CA MET A 519 4.78 -2.59 -6.42
C MET A 519 4.12 -3.80 -5.77
N VAL A 520 4.10 -3.85 -4.44
CA VAL A 520 3.41 -4.94 -3.76
C VAL A 520 1.90 -4.73 -3.81
N ARG A 521 1.45 -3.47 -3.79
CA ARG A 521 0.02 -3.19 -3.88
C ARG A 521 -0.57 -3.56 -5.24
N SER A 522 0.28 -3.71 -6.26
CA SER A 522 -0.19 -4.21 -7.55
C SER A 522 -0.37 -5.72 -7.57
N GLN A 523 0.07 -6.42 -6.52
CA GLN A 523 -0.09 -7.86 -6.44
C GLN A 523 -1.09 -8.30 -5.38
N ARG A 524 -1.37 -7.47 -4.38
CA ARG A 524 -2.48 -7.72 -3.46
C ARG A 524 -3.05 -6.38 -3.03
N SER A 525 -4.36 -6.24 -3.19
CA SER A 525 -5.05 -4.97 -2.98
C SER A 525 -4.91 -4.45 -1.55
N GLY A 526 -4.19 -3.35 -1.38
CA GLY A 526 -4.14 -2.67 -0.10
C GLY A 526 -3.04 -3.08 0.84
N MET A 527 -1.90 -3.55 0.32
CA MET A 527 -0.77 -3.88 1.18
C MET A 527 -0.26 -2.63 1.88
N VAL A 528 0.06 -2.77 3.17
CA VAL A 528 0.44 -1.65 4.05
C VAL A 528 -0.72 -0.68 4.15
N GLN A 529 -1.44 -0.75 5.26
CA GLN A 529 -2.71 -0.03 5.39
C GLN A 529 -2.51 1.43 5.80
N THR A 530 -1.98 1.65 7.00
CA THR A 530 -2.00 2.96 7.62
C THR A 530 -0.65 3.68 7.49
N GLU A 531 -0.67 4.97 7.80
CA GLU A 531 0.55 5.76 7.85
C GLU A 531 1.47 5.28 8.96
N ALA A 532 0.89 4.84 10.09
CA ALA A 532 1.70 4.31 11.18
C ALA A 532 2.52 3.12 10.74
N GLN A 533 1.91 2.19 9.99
CA GLN A 533 2.66 1.08 9.42
C GLN A 533 3.68 1.59 8.41
N TYR A 534 3.34 2.63 7.66
CA TYR A 534 4.25 3.20 6.66
C TYR A 534 5.46 3.83 7.33
N ARG A 535 5.24 4.61 8.38
CA ARG A 535 6.36 5.22 9.11
C ARG A 535 7.20 4.13 9.78
N PHE A 536 6.56 3.06 10.26
CA PHE A 536 7.30 1.98 10.90
C PHE A 536 8.26 1.30 9.93
N ILE A 537 7.90 1.25 8.64
CA ILE A 537 8.78 0.67 7.64
C ILE A 537 10.06 1.49 7.47
N TYR A 538 9.95 2.82 7.58
CA TYR A 538 11.14 3.66 7.56
C TYR A 538 11.97 3.47 8.82
N MET A 539 11.33 3.39 9.99
CA MET A 539 12.07 3.20 11.23
C MET A 539 12.74 1.84 11.28
N ALA A 540 12.13 0.82 10.67
CA ALA A 540 12.71 -0.50 10.66
C ALA A 540 13.99 -0.53 9.82
N VAL A 541 13.92 0.01 8.61
CA VAL A 541 15.11 0.05 7.75
C VAL A 541 16.18 0.94 8.36
N GLN A 542 15.79 2.02 9.02
CA GLN A 542 16.76 2.88 9.68
C GLN A 542 17.46 2.15 10.83
N HIS A 543 16.68 1.51 11.70
CA HIS A 543 17.27 0.76 12.80
C HIS A 543 18.10 -0.41 12.29
N TYR A 544 17.77 -0.94 11.12
CA TYR A 544 18.53 -2.06 10.56
C TYR A 544 19.88 -1.60 10.04
N ILE A 545 19.95 -0.40 9.45
CA ILE A 545 21.21 0.10 8.91
C ILE A 545 22.18 0.41 10.03
N GLU A 546 21.68 0.93 11.17
CA GLU A 546 22.56 1.27 12.28
C GLU A 546 23.26 0.03 12.83
N THR A 547 22.52 -1.07 12.99
CA THR A 547 23.14 -2.30 13.49
C THR A 547 24.20 -2.82 12.54
N LEU A 548 23.96 -2.70 11.24
CA LEU A 548 24.95 -3.13 10.25
C LEU A 548 26.21 -2.29 10.34
N GLN A 549 26.05 -0.97 10.45
CA GLN A 549 27.21 -0.09 10.57
C GLN A 549 27.93 -0.33 11.88
N ARG A 550 27.19 -0.47 12.98
CA ARG A 550 27.81 -0.75 14.27
C ARG A 550 28.50 -2.10 14.25
N ARG A 551 27.92 -3.08 13.57
CA ARG A 551 28.55 -4.39 13.47
C ARG A 551 29.86 -4.31 12.70
N ILE A 552 29.87 -3.59 11.58
CA ILE A 552 31.07 -3.46 10.76
C ILE A 552 32.17 -2.77 11.55
N GLU A 553 31.82 -1.71 12.28
CA GLU A 553 32.83 -0.98 13.05
C GLU A 553 33.39 -1.83 14.17
N GLU A 554 32.54 -2.58 14.87
CA GLU A 554 33.01 -3.45 15.94
C GLU A 554 33.92 -4.55 15.41
N GLU A 555 33.74 -4.95 14.15
CA GLU A 555 34.66 -5.89 13.53
C GLU A 555 36.03 -5.26 13.25
N GLN A 556 36.13 -3.94 13.30
CA GLN A 556 37.40 -3.22 13.14
C GLN A 556 37.91 -2.68 14.47
N LYS A 557 37.26 -3.03 15.58
CA LYS A 557 37.62 -2.58 16.93
C LYS A 557 37.84 -1.08 17.02
C23 8J6 B . 8.84 16.05 -2.00
C17 8J6 B . 7.84 15.80 -3.13
C16 8J6 B . 7.86 14.32 -3.47
C22 8J6 B . 8.28 16.60 -4.35
N2 8J6 B . 6.49 16.29 -2.67
C18 8J6 B . 5.26 15.48 -2.96
C20 8J6 B . 4.24 16.39 -3.66
C21 8J6 B . 4.67 15.07 -1.59
C19 8J6 B . 5.42 14.19 -3.78
C15 8J6 B . 6.76 14.04 -4.44
N1 8J6 B . 6.96 12.67 -5.05
C13 8J6 B . 6.52 11.38 -4.47
N 8J6 B . 6.30 10.26 -5.18
S 8J6 B . 6.17 11.00 -2.85
C14 8J6 B . 5.74 9.35 -3.07
C12 8J6 B . 5.89 9.15 -4.46
C10 8J6 B . 5.60 7.78 -5.15
C9 8J6 B . 4.52 7.01 -4.76
C8 8J6 B . 4.27 5.78 -5.38
C7 8J6 B . 5.11 5.33 -6.41
C11 8J6 B . 6.45 7.33 -6.18
C6 8J6 B . 6.20 6.10 -6.81
C3 8J6 B . 7.14 5.61 -7.95
C2 8J6 B . 6.61 4.96 -9.05
C1 8J6 B . 7.44 4.52 -10.08
C4 8J6 B . 8.51 5.84 -7.87
C5 8J6 B . 9.35 5.40 -8.90
C 8J6 B . 8.82 4.74 -10.01
#